data_5A46
#
_entry.id   5A46
#
_cell.length_a   209.800
_cell.length_b   56.830
_cell.length_c   65.740
_cell.angle_alpha   90.00
_cell.angle_beta   107.36
_cell.angle_gamma   90.00
#
_symmetry.space_group_name_H-M   'C 1 2 1'
#
loop_
_entity.id
_entity.type
_entity.pdbx_description
1 polymer 'FIBROBLAST GROWTH FACTOR RECEPTOR 1 (FMS-RELATED TYROSINE KINASE 2, PFEIFFER SYNDROME), ISOFORM CRA_B'
2 non-polymer 1,2-ETHANEDIOL
3 non-polymer 4-amino-5-fluoro-3-[5-(4-methylpiperazin-1-yl)-1H-benzimidazol-2-yl]quinolin-2(1H)-one
4 non-polymer 'SULFATE ION'
5 water water
#
_entity_poly.entity_id   1
_entity_poly.type   'polypeptide(L)'
_entity_poly.pdbx_seq_one_letter_code
;MNSGVLLVRPSRLSSSGTPMLAGVSEYELPEDPRWELPRDRLVLGKPLGEGCFGQVVLAEAIGLDKDKPNRVTKVAVKML
KSDATEKDLSDLISEMEMMKMIGKHKNIINLLGACTQDGPLYVIVEYASKGNLREYLQARRPPGLEYCYNPSHNPEEQLS
SKDLVSCAYQVARGMEYLASKKCIHRDLAARNVLVTEDNVMKIADFGLARDIHHIDYYKKTTNGRLPVKWMAPEALFDRI
YTHQSDVWSFGVLLWEIFTLGGSPYPGVPVEELFKLLKEGHRMDKPSNCTNELYMMMRDCWHAVPSQRPTFKQLVEDLDR
IVALTSNQEYLDLSMPLDQYSPSFPDTRSSTCSSGEDSVFSHEPLPEEPCLPRHPAQLANGGLKRR
;
_entity_poly.pdbx_strand_id   A,B
#
loop_
_chem_comp.id
_chem_comp.type
_chem_comp.name
_chem_comp.formula
38O non-polymer 4-amino-5-fluoro-3-[5-(4-methylpiperazin-1-yl)-1H-benzimidazol-2-yl]quinolin-2(1H)-one 'C21 H21 F N6 O'
EDO non-polymer 1,2-ETHANEDIOL 'C2 H6 O2'
SO4 non-polymer 'SULFATE ION' 'O4 S -2'
#
# COMPACT_ATOMS: atom_id res chain seq x y z
N GLU A 28 -11.83 -34.16 37.12
CA GLU A 28 -10.99 -35.34 36.88
C GLU A 28 -11.05 -35.78 35.41
N LEU A 29 -9.96 -36.38 34.91
CA LEU A 29 -9.81 -36.78 33.50
C LEU A 29 -9.57 -38.28 33.26
N PRO A 30 -10.18 -38.86 32.17
CA PRO A 30 -9.97 -40.29 31.88
C PRO A 30 -8.79 -40.56 30.95
N GLU A 31 -8.06 -41.66 31.20
CA GLU A 31 -6.89 -42.04 30.43
C GLU A 31 -7.22 -42.67 29.08
N ASP A 32 -6.49 -42.22 28.05
CA ASP A 32 -6.54 -42.75 26.70
C ASP A 32 -5.15 -43.40 26.47
N PRO A 33 -5.04 -44.75 26.53
CA PRO A 33 -3.71 -45.41 26.40
C PRO A 33 -2.98 -45.23 25.06
N ARG A 34 -3.70 -44.82 24.00
CA ARG A 34 -3.19 -44.58 22.64
C ARG A 34 -2.15 -43.46 22.68
N TRP A 35 -2.47 -42.39 23.43
CA TRP A 35 -1.73 -41.13 23.53
C TRP A 35 -0.97 -40.86 24.85
N GLU A 36 -1.35 -41.49 25.97
CA GLU A 36 -0.73 -41.24 27.28
C GLU A 36 0.79 -41.48 27.32
N LEU A 37 1.53 -40.52 27.90
CA LEU A 37 2.97 -40.62 28.10
C LEU A 37 3.22 -40.48 29.60
N PRO A 38 3.98 -41.40 30.26
CA PRO A 38 4.24 -41.22 31.70
C PRO A 38 4.91 -39.87 31.95
N ARG A 39 4.60 -39.20 33.07
CA ARG A 39 5.17 -37.87 33.36
C ARG A 39 6.74 -37.86 33.50
N ASP A 40 7.35 -38.97 33.99
CA ASP A 40 8.81 -39.07 34.09
C ASP A 40 9.55 -39.10 32.72
N ARG A 41 8.79 -39.11 31.61
CA ARG A 41 9.29 -39.14 30.23
C ARG A 41 9.30 -37.77 29.61
N LEU A 42 8.84 -36.74 30.33
CA LEU A 42 8.78 -35.38 29.78
C LEU A 42 9.61 -34.44 30.64
N VAL A 43 10.71 -33.94 30.06
CA VAL A 43 11.67 -33.00 30.68
C VAL A 43 11.29 -31.63 30.17
N LEU A 44 10.76 -30.75 31.03
CA LEU A 44 10.29 -29.45 30.52
C LEU A 44 11.46 -28.43 30.26
N GLY A 45 11.15 -27.27 29.68
CA GLY A 45 12.17 -26.29 29.36
C GLY A 45 11.69 -24.87 29.15
N LYS A 46 12.49 -24.08 28.40
CA LYS A 46 12.22 -22.66 28.11
C LYS A 46 10.80 -22.46 27.49
N PRO A 47 10.04 -21.41 27.89
CA PRO A 47 8.69 -21.24 27.33
C PRO A 47 8.75 -20.65 25.93
N LEU A 48 7.93 -21.21 25.01
CA LEU A 48 7.86 -20.80 23.61
C LEU A 48 6.80 -19.71 23.37
N GLY A 49 5.71 -19.73 24.17
CA GLY A 49 4.61 -18.78 24.10
C GLY A 49 3.77 -18.61 25.37
N GLU A 50 2.82 -17.64 25.34
CA GLU A 50 1.90 -17.28 26.45
C GLU A 50 0.45 -16.97 25.95
N GLY A 51 -0.39 -16.43 26.84
CA GLY A 51 -1.78 -16.11 26.52
C GLY A 51 -2.31 -14.72 26.86
N CYS A 52 -2.85 -14.48 28.11
CA CYS A 52 -2.91 -15.29 29.34
C CYS A 52 -3.68 -16.62 29.23
N PHE A 53 -4.28 -16.89 28.05
CA PHE A 53 -4.98 -18.14 27.74
C PHE A 53 -3.92 -19.23 27.48
N GLY A 54 -3.53 -19.92 28.58
CA GLY A 54 -2.54 -20.99 28.58
C GLY A 54 -1.12 -20.57 28.27
N GLN A 55 -0.24 -21.56 27.98
CA GLN A 55 1.18 -21.37 27.66
C GLN A 55 1.83 -22.59 27.01
N VAL A 56 2.74 -22.35 26.04
CA VAL A 56 3.48 -23.41 25.34
C VAL A 56 4.95 -23.39 25.82
N VAL A 57 5.52 -24.57 26.08
CA VAL A 57 6.91 -24.70 26.53
C VAL A 57 7.68 -25.65 25.59
N LEU A 58 9.02 -25.54 25.55
CA LEU A 58 9.85 -26.47 24.80
C LEU A 58 10.14 -27.62 25.79
N ALA A 59 10.09 -28.87 25.32
CA ALA A 59 10.35 -30.04 26.19
C ALA A 59 11.04 -31.20 25.48
N GLU A 60 11.51 -32.17 26.27
CA GLU A 60 12.14 -33.37 25.77
C GLU A 60 11.39 -34.59 26.24
N ALA A 61 10.84 -35.32 25.28
CA ALA A 61 10.04 -36.51 25.49
C ALA A 61 10.93 -37.72 25.30
N ILE A 62 11.10 -38.53 26.36
CA ILE A 62 11.99 -39.69 26.32
C ILE A 62 11.22 -40.88 25.80
N GLY A 63 11.76 -41.48 24.74
CA GLY A 63 11.23 -42.67 24.08
C GLY A 63 9.77 -42.62 23.70
N LEU A 64 9.38 -41.52 23.01
CA LEU A 64 8.03 -41.23 22.54
C LEU A 64 7.56 -42.38 21.64
N ASP A 65 8.41 -42.79 20.67
CA ASP A 65 8.14 -43.89 19.75
C ASP A 65 8.25 -45.21 20.50
N LYS A 66 7.47 -46.25 20.06
CA LYS A 66 7.41 -47.61 20.65
C LYS A 66 8.78 -48.28 20.77
N ASP A 67 9.68 -47.97 19.81
CA ASP A 67 11.10 -48.35 19.70
C ASP A 67 11.76 -47.18 18.90
N LYS A 68 12.75 -46.45 19.45
CA LYS A 68 13.46 -46.71 20.70
C LYS A 68 12.85 -46.04 21.95
N PRO A 69 12.84 -46.72 23.14
CA PRO A 69 12.40 -46.05 24.37
C PRO A 69 13.55 -45.25 25.01
N ASN A 70 14.70 -45.15 24.30
CA ASN A 70 15.89 -44.44 24.79
C ASN A 70 16.34 -43.27 23.89
N ARG A 71 15.47 -42.80 23.00
CA ARG A 71 15.75 -41.68 22.10
C ARG A 71 14.90 -40.49 22.55
N VAL A 72 15.47 -39.29 22.57
CA VAL A 72 14.72 -38.08 22.93
C VAL A 72 14.30 -37.29 21.71
N THR A 73 13.05 -36.83 21.75
CA THR A 73 12.48 -35.97 20.73
C THR A 73 12.17 -34.65 21.42
N LYS A 74 12.60 -33.54 20.79
CA LYS A 74 12.27 -32.16 21.18
C LYS A 74 10.79 -31.99 20.77
N VAL A 75 9.91 -31.64 21.76
CA VAL A 75 8.47 -31.40 21.58
C VAL A 75 8.00 -30.01 22.11
N ALA A 76 6.73 -29.66 21.82
CA ALA A 76 6.07 -28.46 22.30
C ALA A 76 4.97 -28.94 23.27
N VAL A 77 4.89 -28.36 24.47
CA VAL A 77 3.91 -28.77 25.47
C VAL A 77 2.90 -27.66 25.74
N LYS A 78 1.62 -27.87 25.38
CA LYS A 78 0.54 -26.93 25.66
C LYS A 78 0.02 -27.24 27.06
N MET A 79 -0.03 -26.20 27.92
CA MET A 79 -0.50 -26.31 29.29
C MET A 79 -1.25 -25.05 29.73
N LEU A 80 -1.92 -25.10 30.90
CA LEU A 80 -2.70 -24.00 31.48
C LEU A 80 -1.90 -23.13 32.46
N LYS A 81 -2.30 -21.85 32.62
CA LYS A 81 -1.69 -20.92 33.58
C LYS A 81 -2.29 -21.16 34.99
N SER A 82 -1.80 -20.44 36.01
CA SER A 82 -2.29 -20.57 37.40
C SER A 82 -3.74 -20.09 37.52
N ASP A 83 -4.07 -19.00 36.79
CA ASP A 83 -5.37 -18.34 36.75
C ASP A 83 -6.32 -18.99 35.69
N ALA A 84 -6.27 -20.33 35.57
CA ALA A 84 -7.09 -21.10 34.63
C ALA A 84 -8.39 -21.56 35.29
N THR A 85 -9.46 -21.57 34.49
CA THR A 85 -10.80 -21.96 34.93
C THR A 85 -11.26 -23.24 34.22
N GLU A 86 -12.43 -23.78 34.63
CA GLU A 86 -13.08 -24.97 34.05
C GLU A 86 -13.35 -24.80 32.56
N LYS A 87 -13.55 -23.53 32.11
CA LYS A 87 -13.76 -23.21 30.70
C LYS A 87 -12.43 -23.33 29.97
N ASP A 88 -11.35 -22.70 30.52
CA ASP A 88 -9.98 -22.73 29.98
C ASP A 88 -9.48 -24.18 29.87
N LEU A 89 -9.89 -25.05 30.81
CA LEU A 89 -9.56 -26.46 30.84
C LEU A 89 -10.31 -27.26 29.76
N SER A 90 -11.63 -27.04 29.63
CA SER A 90 -12.45 -27.75 28.64
C SER A 90 -12.03 -27.39 27.22
N ASP A 91 -11.49 -26.19 27.06
CA ASP A 91 -10.99 -25.68 25.79
C ASP A 91 -9.76 -26.50 25.32
N LEU A 92 -8.76 -26.73 26.22
CA LEU A 92 -7.57 -27.51 25.90
C LEU A 92 -7.88 -28.98 25.64
N ILE A 93 -8.93 -29.52 26.28
CA ILE A 93 -9.38 -30.90 26.11
C ILE A 93 -9.95 -31.06 24.72
N SER A 94 -10.90 -30.17 24.34
CA SER A 94 -11.55 -30.15 23.03
C SER A 94 -10.49 -30.08 21.92
N GLU A 95 -9.42 -29.27 22.11
CA GLU A 95 -8.34 -29.12 21.13
C GLU A 95 -7.64 -30.45 20.89
N MET A 96 -7.21 -31.12 21.97
CA MET A 96 -6.57 -32.44 21.93
C MET A 96 -7.54 -33.43 21.23
N GLU A 97 -8.82 -33.40 21.66
CA GLU A 97 -9.89 -34.23 21.11
C GLU A 97 -10.08 -34.00 19.63
N MET A 98 -9.98 -32.76 19.17
CA MET A 98 -10.10 -32.42 17.76
C MET A 98 -8.97 -33.01 16.92
N MET A 99 -7.73 -32.88 17.43
CA MET A 99 -6.50 -33.37 16.79
C MET A 99 -6.51 -34.87 16.69
N LYS A 100 -7.02 -35.56 17.73
CA LYS A 100 -7.15 -37.02 17.72
C LYS A 100 -8.06 -37.46 16.52
N MET A 101 -9.18 -36.77 16.29
CA MET A 101 -10.12 -37.07 15.21
C MET A 101 -9.55 -36.82 13.80
N ILE A 102 -8.98 -35.61 13.58
CA ILE A 102 -8.42 -35.08 12.32
C ILE A 102 -7.27 -35.96 11.76
N GLY A 103 -6.44 -36.55 12.61
CA GLY A 103 -5.38 -37.43 12.12
C GLY A 103 -4.15 -36.70 11.67
N LYS A 104 -3.17 -37.46 11.14
CA LYS A 104 -1.86 -36.97 10.76
C LYS A 104 -1.69 -36.50 9.28
N HIS A 105 -0.89 -35.43 9.13
CA HIS A 105 -0.43 -34.86 7.86
C HIS A 105 0.93 -34.25 8.09
N LYS A 106 1.78 -34.27 7.05
CA LYS A 106 3.11 -33.68 7.10
C LYS A 106 3.04 -32.16 7.29
N ASN A 107 1.97 -31.51 6.74
CA ASN A 107 1.80 -30.05 6.73
C ASN A 107 0.80 -29.45 7.77
N ILE A 108 0.55 -30.13 8.88
CA ILE A 108 -0.24 -29.63 10.01
C ILE A 108 0.55 -29.94 11.30
N ILE A 109 0.35 -29.18 12.42
CA ILE A 109 1.00 -29.53 13.71
C ILE A 109 0.27 -30.77 14.24
N ASN A 110 0.97 -31.92 14.32
CA ASN A 110 0.38 -33.19 14.78
C ASN A 110 0.46 -33.36 16.28
N LEU A 111 -0.35 -34.25 16.82
CA LEU A 111 -0.40 -34.59 18.22
C LEU A 111 0.52 -35.79 18.45
N LEU A 112 1.38 -35.71 19.47
CA LEU A 112 2.36 -36.75 19.73
C LEU A 112 2.09 -37.57 21.00
N GLY A 113 1.32 -36.99 21.92
CA GLY A 113 1.02 -37.60 23.21
C GLY A 113 0.36 -36.66 24.20
N ALA A 114 0.17 -37.10 25.45
CA ALA A 114 -0.48 -36.31 26.51
C ALA A 114 -0.25 -36.85 27.93
N CYS A 115 -0.18 -35.93 28.91
CA CYS A 115 -0.09 -36.26 30.33
C CYS A 115 -1.39 -35.76 31.00
N THR A 116 -2.38 -36.67 31.06
CA THR A 116 -3.76 -36.41 31.51
C THR A 116 -4.07 -36.94 32.93
N GLN A 117 -3.11 -37.69 33.53
CA GLN A 117 -3.30 -38.32 34.83
C GLN A 117 -2.34 -37.84 35.90
N ASP A 118 -2.87 -37.69 37.13
CA ASP A 118 -2.17 -37.33 38.37
C ASP A 118 -1.32 -36.03 38.27
N GLY A 119 -1.90 -35.00 37.64
CA GLY A 119 -1.27 -33.69 37.50
C GLY A 119 -1.88 -32.73 36.47
N PRO A 120 -1.20 -31.60 36.18
CA PRO A 120 -1.74 -30.65 35.18
C PRO A 120 -1.75 -31.25 33.78
N LEU A 121 -2.80 -30.96 33.00
CA LEU A 121 -2.94 -31.50 31.65
C LEU A 121 -1.90 -30.94 30.71
N TYR A 122 -1.11 -31.84 30.13
CA TYR A 122 -0.10 -31.48 29.15
C TYR A 122 -0.48 -32.11 27.82
N VAL A 123 -0.76 -31.27 26.82
CA VAL A 123 -1.06 -31.73 25.46
C VAL A 123 0.29 -31.57 24.72
N ILE A 124 0.90 -32.72 24.33
CA ILE A 124 2.20 -32.75 23.65
C ILE A 124 2.00 -32.78 22.11
N VAL A 125 2.44 -31.70 21.43
CA VAL A 125 2.37 -31.44 19.98
C VAL A 125 3.76 -31.23 19.29
N GLU A 126 3.79 -31.28 17.94
CA GLU A 126 5.04 -31.10 17.15
C GLU A 126 5.71 -29.76 17.40
N TYR A 127 7.05 -29.78 17.46
CA TYR A 127 7.85 -28.59 17.68
C TYR A 127 8.53 -28.13 16.39
N ALA A 128 8.28 -26.85 16.02
CA ALA A 128 8.82 -26.17 14.84
C ALA A 128 9.85 -25.15 15.31
N SER A 129 11.13 -25.54 15.24
CA SER A 129 12.29 -24.78 15.71
C SER A 129 12.53 -23.39 15.08
N LYS A 130 11.90 -23.09 13.91
CA LYS A 130 12.12 -21.82 13.21
C LYS A 130 11.03 -20.77 13.50
N GLY A 131 10.05 -21.10 14.34
CA GLY A 131 8.96 -20.21 14.75
C GLY A 131 7.81 -20.14 13.76
N ASN A 132 7.10 -18.99 13.68
CA ASN A 132 6.01 -18.82 12.70
C ASN A 132 6.56 -18.41 11.33
N LEU A 133 5.69 -18.44 10.31
CA LEU A 133 6.07 -18.16 8.94
C LEU A 133 6.29 -16.67 8.70
N ARG A 134 5.63 -15.80 9.48
CA ARG A 134 5.85 -14.37 9.32
C ARG A 134 7.27 -14.03 9.83
N GLU A 135 7.62 -14.43 11.09
CA GLU A 135 8.92 -14.19 11.72
C GLU A 135 10.04 -14.74 10.84
N TYR A 136 9.88 -16.00 10.34
CA TYR A 136 10.79 -16.71 9.45
C TYR A 136 11.03 -15.92 8.16
N LEU A 137 9.92 -15.53 7.46
CA LEU A 137 9.99 -14.74 6.23
C LEU A 137 10.69 -13.40 6.47
N GLN A 138 10.28 -12.62 7.51
CA GLN A 138 10.89 -11.33 7.87
C GLN A 138 12.42 -11.44 8.11
N ALA A 139 12.87 -12.50 8.83
CA ALA A 139 14.27 -12.79 9.16
C ALA A 139 15.17 -13.18 7.95
N ARG A 140 14.56 -13.45 6.79
CA ARG A 140 15.22 -13.89 5.54
C ARG A 140 14.97 -12.89 4.40
N ARG A 141 14.69 -11.63 4.78
CA ARG A 141 14.49 -10.51 3.89
C ARG A 141 15.86 -10.06 3.33
N PRO A 142 15.89 -9.44 2.12
CA PRO A 142 17.17 -8.98 1.56
C PRO A 142 17.82 -7.91 2.44
N PRO A 143 19.16 -7.79 2.37
CA PRO A 143 19.84 -6.82 3.24
C PRO A 143 19.47 -5.36 3.02
N GLY A 144 19.79 -4.52 4.01
CA GLY A 144 19.47 -3.10 3.99
C GLY A 144 20.68 -2.20 4.08
N LEU A 145 20.53 -0.88 3.75
CA LEU A 145 19.31 -0.22 3.27
C LEU A 145 19.69 0.91 2.32
N GLU A 156 22.47 -14.67 5.87
CA GLU A 156 23.13 -15.96 6.00
C GLU A 156 22.26 -17.06 5.41
N GLU A 157 20.96 -16.75 5.14
CA GLU A 157 19.95 -17.66 4.64
C GLU A 157 18.86 -16.86 3.93
N GLN A 158 18.71 -17.09 2.60
CA GLN A 158 17.76 -16.40 1.73
C GLN A 158 17.00 -17.36 0.82
N LEU A 159 15.70 -17.12 0.71
CA LEU A 159 14.73 -17.90 -0.06
C LEU A 159 14.61 -17.44 -1.52
N SER A 160 14.64 -18.41 -2.48
CA SER A 160 14.50 -18.16 -3.93
C SER A 160 13.03 -18.13 -4.34
N SER A 161 12.73 -17.79 -5.60
CA SER A 161 11.35 -17.73 -6.12
C SER A 161 10.64 -19.09 -5.96
N LYS A 162 11.31 -20.19 -6.35
CA LYS A 162 10.80 -21.56 -6.16
C LYS A 162 10.66 -21.87 -4.67
N ASP A 163 11.39 -21.17 -3.76
CA ASP A 163 11.26 -21.40 -2.33
C ASP A 163 9.92 -20.87 -1.81
N LEU A 164 9.57 -19.60 -2.16
CA LEU A 164 8.36 -18.90 -1.71
C LEU A 164 7.10 -19.57 -2.16
N VAL A 165 7.08 -20.01 -3.42
CA VAL A 165 5.96 -20.73 -4.04
C VAL A 165 5.82 -22.05 -3.34
N SER A 166 6.95 -22.72 -2.96
CA SER A 166 6.91 -23.98 -2.20
C SER A 166 6.24 -23.85 -0.83
N CYS A 167 6.45 -22.72 -0.10
CA CYS A 167 5.77 -22.39 1.15
C CYS A 167 4.25 -22.32 0.94
N ALA A 168 3.84 -21.68 -0.16
CA ALA A 168 2.42 -21.56 -0.52
C ALA A 168 1.85 -22.94 -0.85
N TYR A 169 2.62 -23.80 -1.54
CA TYR A 169 2.15 -25.14 -1.87
C TYR A 169 1.81 -25.98 -0.63
N GLN A 170 2.74 -26.06 0.33
CA GLN A 170 2.65 -26.78 1.58
C GLN A 170 1.48 -26.35 2.46
N VAL A 171 1.26 -25.05 2.59
CA VAL A 171 0.18 -24.46 3.37
C VAL A 171 -1.16 -24.79 2.71
N ALA A 172 -1.23 -24.82 1.36
CA ALA A 172 -2.46 -25.21 0.65
C ALA A 172 -2.66 -26.72 0.80
N ARG A 173 -1.56 -27.51 0.91
CA ARG A 173 -1.60 -28.96 1.17
C ARG A 173 -2.14 -29.29 2.56
N GLY A 174 -1.69 -28.52 3.56
CA GLY A 174 -2.14 -28.62 4.95
C GLY A 174 -3.63 -28.33 5.09
N MET A 175 -4.05 -27.20 4.51
CA MET A 175 -5.42 -26.70 4.49
C MET A 175 -6.39 -27.65 3.76
N GLU A 176 -5.94 -28.24 2.62
CA GLU A 176 -6.75 -29.21 1.86
C GLU A 176 -7.02 -30.44 2.71
N TYR A 177 -6.00 -30.99 3.40
CA TYR A 177 -6.20 -32.15 4.28
C TYR A 177 -7.25 -31.79 5.35
N LEU A 178 -7.05 -30.61 6.01
CA LEU A 178 -7.94 -30.09 7.04
C LEU A 178 -9.37 -29.97 6.54
N ALA A 179 -9.55 -29.53 5.28
CA ALA A 179 -10.84 -29.42 4.61
C ALA A 179 -11.42 -30.82 4.39
N SER A 180 -10.61 -31.80 3.91
CA SER A 180 -11.04 -33.20 3.70
C SER A 180 -11.62 -33.81 4.99
N LYS A 181 -11.11 -33.36 6.16
CA LYS A 181 -11.51 -33.80 7.48
C LYS A 181 -12.55 -32.87 8.11
N LYS A 182 -13.14 -31.98 7.30
CA LYS A 182 -14.22 -31.05 7.69
C LYS A 182 -13.79 -30.02 8.75
N CYS A 183 -12.54 -29.61 8.73
CA CYS A 183 -12.07 -28.64 9.72
C CYS A 183 -12.02 -27.26 9.07
N ILE A 184 -12.59 -26.27 9.76
CA ILE A 184 -12.62 -24.87 9.29
C ILE A 184 -11.77 -24.10 10.30
N HIS A 185 -10.59 -23.63 9.84
CA HIS A 185 -9.57 -22.92 10.62
C HIS A 185 -10.06 -21.66 11.29
N ARG A 186 -10.74 -20.79 10.52
CA ARG A 186 -11.31 -19.48 10.91
C ARG A 186 -10.22 -18.35 11.15
N ASP A 187 -8.91 -18.71 11.24
CA ASP A 187 -7.84 -17.75 11.44
C ASP A 187 -6.51 -18.11 10.71
N LEU A 188 -6.63 -18.60 9.45
CA LEU A 188 -5.48 -18.93 8.63
C LEU A 188 -4.73 -17.64 8.30
N ALA A 189 -3.44 -17.56 8.73
CA ALA A 189 -2.55 -16.43 8.58
C ALA A 189 -1.13 -16.93 8.72
N ALA A 190 -0.14 -16.17 8.22
CA ALA A 190 1.27 -16.51 8.33
C ALA A 190 1.65 -16.78 9.79
N ARG A 191 1.09 -15.99 10.73
CA ARG A 191 1.33 -16.15 12.18
C ARG A 191 1.00 -17.52 12.71
N ASN A 192 0.01 -18.20 12.11
CA ASN A 192 -0.47 -19.53 12.55
C ASN A 192 0.00 -20.68 11.65
N VAL A 193 1.17 -20.50 11.01
CA VAL A 193 1.86 -21.50 10.20
C VAL A 193 3.23 -21.50 10.81
N LEU A 194 3.66 -22.64 11.37
CA LEU A 194 4.94 -22.80 12.05
C LEU A 194 5.93 -23.53 11.13
N VAL A 195 7.27 -23.24 11.27
CA VAL A 195 8.31 -23.79 10.38
C VAL A 195 9.36 -24.66 11.13
N THR A 196 9.53 -25.92 10.65
CA THR A 196 10.43 -26.90 11.22
C THR A 196 11.86 -26.69 10.78
N GLU A 197 12.82 -27.35 11.48
CA GLU A 197 14.26 -27.37 11.22
C GLU A 197 14.58 -27.81 9.77
N ASP A 198 13.62 -28.51 9.14
CA ASP A 198 13.70 -29.03 7.76
C ASP A 198 12.95 -28.17 6.73
N ASN A 199 12.42 -27.00 7.17
CA ASN A 199 11.71 -26.00 6.37
C ASN A 199 10.35 -26.49 5.81
N VAL A 200 9.66 -27.28 6.63
CA VAL A 200 8.34 -27.82 6.38
C VAL A 200 7.39 -26.83 7.05
N MET A 201 6.34 -26.47 6.33
CA MET A 201 5.31 -25.56 6.80
C MET A 201 4.24 -26.44 7.47
N LYS A 202 3.80 -26.04 8.69
CA LYS A 202 2.80 -26.76 9.47
C LYS A 202 1.68 -25.81 9.96
N ILE A 203 0.43 -26.07 9.55
CA ILE A 203 -0.73 -25.27 10.00
C ILE A 203 -0.91 -25.50 11.51
N ALA A 204 -1.01 -24.40 12.29
CA ALA A 204 -1.22 -24.46 13.74
C ALA A 204 -2.52 -23.78 14.13
N ASP A 205 -3.00 -24.08 15.36
CA ASP A 205 -4.19 -23.55 16.01
C ASP A 205 -5.46 -23.79 15.23
N PHE A 206 -5.48 -24.89 14.44
CA PHE A 206 -6.64 -25.35 13.67
C PHE A 206 -7.72 -25.95 14.52
N GLY A 207 -7.35 -26.49 15.69
CA GLY A 207 -8.23 -27.14 16.66
C GLY A 207 -8.75 -26.29 17.82
N LEU A 208 -8.46 -24.99 17.83
CA LEU A 208 -8.87 -24.09 18.92
C LEU A 208 -10.38 -23.88 19.02
N ALA A 209 -10.85 -23.71 20.29
CA ALA A 209 -12.25 -23.50 20.68
C ALA A 209 -12.99 -22.35 19.93
N ARG A 210 -14.17 -22.67 19.39
CA ARG A 210 -15.02 -21.75 18.64
C ARG A 210 -15.45 -20.46 19.41
N ASP A 211 -15.75 -20.60 20.73
CA ASP A 211 -16.19 -19.54 21.66
C ASP A 211 -17.56 -18.94 21.29
N ILE A 215 -16.12 -12.31 19.14
CA ILE A 215 -14.76 -11.89 18.80
C ILE A 215 -14.69 -10.37 18.68
N ASP A 216 -13.69 -9.73 19.33
CA ASP A 216 -13.50 -8.27 19.28
C ASP A 216 -12.64 -7.84 18.09
N TYR A 217 -13.29 -7.17 17.12
CA TYR A 217 -12.70 -6.65 15.88
C TYR A 217 -11.62 -5.57 16.12
N TYR A 218 -11.74 -4.80 17.22
CA TYR A 218 -10.81 -3.72 17.58
C TYR A 218 -9.53 -4.22 18.31
N LYS A 219 -9.43 -5.54 18.58
CA LYS A 219 -8.28 -6.15 19.24
C LYS A 219 -7.13 -6.44 18.26
N LYS A 220 -5.90 -6.08 18.67
CA LYS A 220 -4.67 -6.26 17.88
C LYS A 220 -3.82 -7.41 18.46
N THR A 221 -2.91 -7.98 17.64
CA THR A 221 -2.03 -9.11 18.00
C THR A 221 -0.81 -8.66 18.81
N THR A 222 0.12 -9.59 19.08
CA THR A 222 1.37 -9.30 19.78
C THR A 222 2.18 -8.30 18.93
N ASN A 223 2.24 -8.55 17.60
CA ASN A 223 2.95 -7.71 16.62
C ASN A 223 2.17 -6.45 16.23
N GLY A 224 1.12 -6.12 16.99
CA GLY A 224 0.28 -4.95 16.77
C GLY A 224 -0.53 -4.92 15.48
N ARG A 225 -0.92 -6.12 14.96
CA ARG A 225 -1.70 -6.30 13.73
C ARG A 225 -3.18 -6.64 14.01
N LEU A 226 -4.12 -6.13 13.19
CA LEU A 226 -5.56 -6.39 13.33
C LEU A 226 -6.00 -7.66 12.57
N PRO A 227 -6.37 -8.74 13.29
CA PRO A 227 -6.76 -10.00 12.60
C PRO A 227 -7.94 -9.94 11.62
N VAL A 228 -8.79 -8.88 11.66
CA VAL A 228 -9.95 -8.72 10.75
C VAL A 228 -9.55 -8.57 9.30
N LYS A 229 -8.27 -8.29 9.08
CA LYS A 229 -7.64 -8.07 7.79
C LYS A 229 -7.40 -9.38 7.04
N TRP A 230 -7.57 -10.52 7.71
CA TRP A 230 -7.43 -11.82 7.07
C TRP A 230 -8.83 -12.39 6.77
N MET A 231 -9.89 -11.76 7.30
CA MET A 231 -11.28 -12.20 7.21
C MET A 231 -12.00 -11.88 5.93
N ALA A 232 -12.73 -12.90 5.45
CA ALA A 232 -13.58 -12.80 4.28
C ALA A 232 -14.75 -11.90 4.68
N PRO A 233 -15.29 -11.06 3.76
CA PRO A 233 -16.41 -10.17 4.13
C PRO A 233 -17.63 -10.90 4.67
N GLU A 234 -17.97 -12.08 4.11
CA GLU A 234 -19.14 -12.82 4.58
C GLU A 234 -18.95 -13.28 6.03
N ALA A 235 -17.73 -13.71 6.40
CA ALA A 235 -17.37 -14.11 7.77
C ALA A 235 -17.36 -12.89 8.70
N LEU A 236 -16.83 -11.75 8.22
CA LEU A 236 -16.75 -10.49 8.97
C LEU A 236 -18.10 -9.78 9.19
N PHE A 237 -18.93 -9.64 8.14
CA PHE A 237 -20.23 -8.94 8.20
C PHE A 237 -21.44 -9.85 8.46
N ASP A 238 -21.33 -11.16 8.18
CA ASP A 238 -22.45 -12.08 8.35
C ASP A 238 -22.15 -13.27 9.29
N ARG A 239 -20.90 -13.38 9.81
CA ARG A 239 -20.39 -14.44 10.69
C ARG A 239 -20.51 -15.84 10.04
N ILE A 240 -20.36 -15.91 8.71
CA ILE A 240 -20.42 -17.14 7.91
C ILE A 240 -19.02 -17.65 7.52
N TYR A 241 -18.46 -18.53 8.35
CA TYR A 241 -17.16 -19.15 8.18
C TYR A 241 -17.33 -20.47 7.46
N THR A 242 -16.67 -20.61 6.31
CA THR A 242 -16.74 -21.79 5.44
C THR A 242 -15.33 -22.17 4.99
N HIS A 243 -15.22 -23.12 4.04
CA HIS A 243 -13.91 -23.48 3.48
C HIS A 243 -13.49 -22.42 2.48
N GLN A 244 -14.50 -21.68 1.98
CA GLN A 244 -14.41 -20.55 1.04
C GLN A 244 -13.87 -19.30 1.75
N SER A 245 -14.28 -19.04 3.01
CA SER A 245 -13.79 -17.93 3.84
C SER A 245 -12.32 -18.17 4.30
N ASP A 246 -11.93 -19.46 4.42
CA ASP A 246 -10.56 -19.87 4.70
C ASP A 246 -9.72 -19.66 3.43
N VAL A 247 -10.34 -19.88 2.20
CA VAL A 247 -9.68 -19.67 0.90
C VAL A 247 -9.34 -18.18 0.77
N TRP A 248 -10.30 -17.30 1.19
CA TRP A 248 -10.07 -15.85 1.24
C TRP A 248 -8.79 -15.57 2.09
N SER A 249 -8.69 -16.10 3.33
CA SER A 249 -7.56 -15.98 4.25
C SER A 249 -6.25 -16.49 3.65
N PHE A 250 -6.30 -17.58 2.83
CA PHE A 250 -5.13 -18.09 2.12
C PHE A 250 -4.58 -17.04 1.11
N GLY A 251 -5.48 -16.24 0.53
CA GLY A 251 -5.18 -15.15 -0.38
C GLY A 251 -4.40 -14.08 0.34
N VAL A 252 -4.81 -13.76 1.59
CA VAL A 252 -4.05 -12.78 2.42
C VAL A 252 -2.68 -13.40 2.78
N LEU A 253 -2.62 -14.74 2.98
CA LEU A 253 -1.40 -15.47 3.32
C LEU A 253 -0.37 -15.42 2.20
N LEU A 254 -0.80 -15.62 0.93
CA LEU A 254 0.10 -15.55 -0.24
C LEU A 254 0.74 -14.19 -0.32
N TRP A 255 -0.08 -13.12 -0.17
CA TRP A 255 0.39 -11.72 -0.15
C TRP A 255 1.43 -11.60 0.94
N GLU A 256 1.25 -12.28 2.10
CA GLU A 256 2.26 -12.27 3.18
C GLU A 256 3.54 -13.00 2.79
N ILE A 257 3.47 -14.04 1.93
CA ILE A 257 4.67 -14.78 1.51
C ILE A 257 5.50 -13.95 0.54
N PHE A 258 4.89 -13.51 -0.56
CA PHE A 258 5.58 -12.77 -1.63
C PHE A 258 5.93 -11.34 -1.26
N THR A 259 5.42 -10.80 -0.12
CA THR A 259 5.88 -9.50 0.44
C THR A 259 6.94 -9.75 1.55
N LEU A 260 7.34 -11.02 1.75
CA LEU A 260 8.31 -11.49 2.75
C LEU A 260 7.92 -11.12 4.20
N GLY A 261 6.64 -11.28 4.51
CA GLY A 261 6.10 -11.02 5.85
C GLY A 261 5.62 -9.60 6.03
N GLY A 262 5.09 -9.03 4.95
CA GLY A 262 4.53 -7.70 4.96
C GLY A 262 3.23 -7.65 5.72
N SER A 263 2.93 -6.47 6.28
CA SER A 263 1.72 -6.18 7.04
C SER A 263 0.55 -5.82 6.10
N PRO A 264 -0.60 -6.54 6.11
CA PRO A 264 -1.71 -6.18 5.22
C PRO A 264 -2.37 -4.88 5.66
N TYR A 265 -2.58 -3.96 4.71
CA TYR A 265 -3.23 -2.68 4.93
C TYR A 265 -2.61 -1.86 6.09
N PRO A 266 -1.29 -1.49 6.03
CA PRO A 266 -0.71 -0.68 7.12
C PRO A 266 -1.38 0.68 7.29
N GLY A 267 -1.62 1.05 8.54
CA GLY A 267 -2.21 2.32 8.91
C GLY A 267 -3.72 2.37 8.87
N VAL A 268 -4.33 1.33 8.28
CA VAL A 268 -5.78 1.18 8.11
C VAL A 268 -6.46 0.70 9.42
N PRO A 269 -7.27 1.57 10.08
CA PRO A 269 -8.02 1.13 11.26
C PRO A 269 -9.23 0.26 10.84
N VAL A 270 -9.87 -0.36 11.83
CA VAL A 270 -11.01 -1.28 11.68
C VAL A 270 -12.12 -0.73 10.78
N GLU A 271 -12.67 0.46 11.16
CA GLU A 271 -13.78 1.12 10.51
C GLU A 271 -13.50 1.50 9.05
N GLU A 272 -12.24 1.85 8.73
CA GLU A 272 -11.80 2.23 7.38
C GLU A 272 -11.60 0.97 6.51
N LEU A 273 -11.39 -0.21 7.15
CA LEU A 273 -11.23 -1.50 6.47
C LEU A 273 -12.55 -2.00 5.92
N PHE A 274 -13.65 -1.79 6.69
CA PHE A 274 -15.00 -2.18 6.29
C PHE A 274 -15.38 -1.41 5.04
N LYS A 275 -15.05 -0.09 4.97
CA LYS A 275 -15.28 0.76 3.80
C LYS A 275 -14.47 0.23 2.61
N LEU A 276 -13.21 -0.19 2.82
CA LEU A 276 -12.39 -0.78 1.75
C LEU A 276 -13.05 -2.05 1.17
N LEU A 277 -13.59 -2.91 2.05
CA LEU A 277 -14.26 -4.15 1.63
C LEU A 277 -15.58 -3.90 0.89
N LYS A 278 -16.34 -2.87 1.31
CA LYS A 278 -17.63 -2.55 0.72
C LYS A 278 -17.51 -1.91 -0.66
N GLU A 279 -16.38 -1.23 -0.93
CA GLU A 279 -16.12 -0.58 -2.22
C GLU A 279 -15.55 -1.57 -3.24
N GLY A 280 -15.15 -2.77 -2.77
CA GLY A 280 -14.55 -3.80 -3.60
C GLY A 280 -13.04 -3.63 -3.73
N HIS A 281 -12.40 -3.01 -2.71
CA HIS A 281 -10.97 -2.76 -2.72
C HIS A 281 -10.15 -4.02 -2.49
N ARG A 282 -9.03 -4.11 -3.22
CA ARG A 282 -8.09 -5.23 -3.16
C ARG A 282 -6.66 -4.74 -2.93
N MET A 283 -5.83 -5.54 -2.25
CA MET A 283 -4.44 -5.17 -2.01
C MET A 283 -3.66 -5.12 -3.32
N ASP A 284 -2.54 -4.37 -3.29
CA ASP A 284 -1.71 -4.18 -4.46
C ASP A 284 -0.81 -5.38 -4.71
N LYS A 285 -0.43 -5.56 -5.98
CA LYS A 285 0.42 -6.67 -6.42
C LYS A 285 1.79 -6.51 -5.79
N PRO A 286 2.26 -7.51 -5.02
CA PRO A 286 3.60 -7.41 -4.45
C PRO A 286 4.63 -7.36 -5.58
N SER A 287 5.76 -6.75 -5.33
CA SER A 287 6.86 -6.74 -6.28
C SER A 287 7.56 -8.09 -6.05
N ASN A 288 8.12 -8.72 -7.12
CA ASN A 288 8.73 -10.08 -7.03
C ASN A 288 7.60 -11.08 -6.73
N CYS A 289 6.57 -10.97 -7.57
CA CYS A 289 5.32 -11.72 -7.56
C CYS A 289 4.77 -11.64 -8.96
N THR A 290 4.66 -12.80 -9.62
CA THR A 290 4.17 -12.98 -11.01
C THR A 290 2.73 -12.51 -11.20
N ASN A 291 2.31 -12.43 -12.46
CA ASN A 291 0.94 -12.07 -12.81
C ASN A 291 0.02 -13.24 -12.50
N GLU A 292 0.55 -14.48 -12.54
CA GLU A 292 -0.16 -15.74 -12.28
C GLU A 292 -0.54 -15.89 -10.80
N LEU A 293 0.43 -15.58 -9.92
CA LEU A 293 0.24 -15.66 -8.48
C LEU A 293 -0.59 -14.52 -7.94
N TYR A 294 -0.59 -13.34 -8.63
CA TYR A 294 -1.45 -12.23 -8.19
C TYR A 294 -2.90 -12.45 -8.66
N MET A 295 -3.09 -13.08 -9.83
CA MET A 295 -4.36 -13.51 -10.40
C MET A 295 -4.91 -14.55 -9.38
N MET A 296 -4.03 -15.41 -8.82
CA MET A 296 -4.40 -16.38 -7.79
C MET A 296 -4.96 -15.73 -6.50
N MET A 297 -4.26 -14.72 -5.98
CA MET A 297 -4.63 -13.93 -4.80
C MET A 297 -6.00 -13.29 -4.99
N ARG A 298 -6.22 -12.70 -6.17
CA ARG A 298 -7.44 -11.99 -6.56
C ARG A 298 -8.61 -12.96 -6.70
N ASP A 299 -8.33 -14.21 -7.17
CA ASP A 299 -9.35 -15.25 -7.30
C ASP A 299 -9.76 -15.70 -5.91
N CYS A 300 -8.80 -15.74 -5.00
CA CYS A 300 -9.01 -16.10 -3.61
C CYS A 300 -9.89 -15.06 -2.94
N TRP A 301 -9.80 -13.82 -3.42
CA TRP A 301 -10.61 -12.72 -2.92
C TRP A 301 -11.81 -12.46 -3.81
N HIS A 302 -12.38 -13.50 -4.48
CA HIS A 302 -13.58 -13.32 -5.28
C HIS A 302 -14.71 -12.93 -4.35
N ALA A 303 -15.42 -11.83 -4.67
CA ALA A 303 -16.52 -11.31 -3.86
C ALA A 303 -17.56 -12.39 -3.56
N VAL A 304 -17.82 -13.25 -4.57
CA VAL A 304 -18.77 -14.37 -4.47
C VAL A 304 -18.04 -15.61 -3.95
N PRO A 305 -18.34 -16.08 -2.71
CA PRO A 305 -17.60 -17.25 -2.15
C PRO A 305 -17.54 -18.51 -3.00
N SER A 306 -18.64 -18.83 -3.72
CA SER A 306 -18.78 -20.00 -4.60
C SER A 306 -17.85 -19.96 -5.82
N GLN A 307 -17.44 -18.76 -6.23
CA GLN A 307 -16.60 -18.56 -7.41
C GLN A 307 -15.08 -18.63 -7.10
N ARG A 308 -14.71 -18.55 -5.81
CA ARG A 308 -13.34 -18.67 -5.35
C ARG A 308 -12.76 -20.08 -5.67
N PRO A 309 -11.42 -20.26 -5.83
CA PRO A 309 -10.90 -21.63 -6.01
C PRO A 309 -11.04 -22.42 -4.71
N THR A 310 -10.98 -23.77 -4.79
CA THR A 310 -11.03 -24.61 -3.60
C THR A 310 -9.57 -24.85 -3.22
N PHE A 311 -9.26 -25.48 -2.06
CA PHE A 311 -7.85 -25.78 -1.75
C PHE A 311 -7.37 -26.87 -2.69
N LYS A 312 -8.27 -27.83 -3.06
CA LYS A 312 -7.97 -28.90 -4.02
C LYS A 312 -7.54 -28.31 -5.38
N GLN A 313 -8.13 -27.16 -5.81
CA GLN A 313 -7.71 -26.51 -7.06
C GLN A 313 -6.36 -25.78 -6.83
N LEU A 314 -6.19 -25.05 -5.69
CA LEU A 314 -4.96 -24.32 -5.31
C LEU A 314 -3.73 -25.23 -5.15
N VAL A 315 -3.89 -26.44 -4.61
CA VAL A 315 -2.83 -27.43 -4.46
C VAL A 315 -2.32 -27.84 -5.85
N GLU A 316 -3.24 -28.09 -6.78
CA GLU A 316 -2.95 -28.49 -8.15
C GLU A 316 -2.17 -27.42 -8.91
N ASP A 317 -2.63 -26.13 -8.86
CA ASP A 317 -2.04 -24.98 -9.54
C ASP A 317 -0.64 -24.71 -9.04
N LEU A 318 -0.46 -24.64 -7.71
CA LEU A 318 0.82 -24.41 -7.05
C LEU A 318 1.79 -25.56 -7.28
N ASP A 319 1.27 -26.78 -7.47
CA ASP A 319 2.08 -27.98 -7.75
C ASP A 319 2.77 -27.73 -9.10
N ARG A 320 1.99 -27.25 -10.09
CA ARG A 320 2.41 -26.94 -11.45
C ARG A 320 3.34 -25.69 -11.50
N ILE A 321 2.99 -24.61 -10.75
CA ILE A 321 3.74 -23.37 -10.66
C ILE A 321 5.14 -23.61 -10.08
N VAL A 322 5.27 -24.39 -8.97
CA VAL A 322 6.58 -24.72 -8.36
C VAL A 322 7.51 -25.28 -9.45
N ALA A 323 7.04 -26.33 -10.17
CA ALA A 323 7.74 -27.03 -11.25
C ALA A 323 8.24 -26.14 -12.41
N LEU A 324 7.57 -25.00 -12.65
CA LEU A 324 7.91 -24.00 -13.67
C LEU A 324 8.70 -22.80 -13.08
N THR A 325 8.66 -22.58 -11.73
CA THR A 325 9.32 -21.44 -11.08
C THR A 325 10.82 -21.69 -10.87
N SER A 326 11.63 -20.67 -11.22
CA SER A 326 13.09 -20.69 -11.13
C SER A 326 13.64 -20.60 -9.71
N ASN A 327 14.67 -21.43 -9.47
CA ASN A 327 15.45 -21.56 -8.25
C ASN A 327 16.75 -20.71 -8.38
N GLN A 328 16.94 -20.09 -9.55
CA GLN A 328 18.11 -19.28 -9.91
C GLN A 328 18.02 -17.81 -9.48
N GLU A 329 16.85 -17.37 -8.98
CA GLU A 329 16.58 -16.00 -8.53
C GLU A 329 15.38 -16.00 -7.58
N TYR A 330 15.40 -15.24 -6.58
N ALA B 22 -9.33 49.12 1.39
CA ALA B 22 -9.15 49.75 0.08
C ALA B 22 -7.99 49.09 -0.72
N GLY B 23 -7.04 49.90 -1.21
CA GLY B 23 -5.86 49.44 -1.94
C GLY B 23 -5.77 49.87 -3.39
N VAL B 24 -6.65 50.80 -3.80
CA VAL B 24 -6.80 51.33 -5.17
C VAL B 24 -7.43 50.27 -6.10
N SER B 25 -7.05 48.96 -5.87
CA SER B 25 -7.43 47.70 -6.53
C SER B 25 -8.95 47.38 -6.42
N GLU B 26 -9.64 48.03 -5.46
CA GLU B 26 -11.06 47.86 -5.20
C GLU B 26 -11.90 48.49 -6.30
N TYR B 27 -11.39 49.62 -6.87
CA TYR B 27 -11.98 50.45 -7.91
C TYR B 27 -11.30 50.37 -9.28
N GLU B 28 -9.99 50.10 -9.30
CA GLU B 28 -9.18 49.98 -10.52
C GLU B 28 -7.87 49.27 -10.25
N LEU B 29 -7.49 48.39 -11.18
CA LEU B 29 -6.25 47.62 -11.13
C LEU B 29 -5.15 48.34 -11.90
N PRO B 30 -3.86 48.13 -11.53
CA PRO B 30 -2.77 48.76 -12.30
C PRO B 30 -2.56 48.13 -13.69
N GLU B 31 -2.10 48.97 -14.63
CA GLU B 31 -1.79 48.59 -16.00
C GLU B 31 -0.38 48.02 -16.15
N ASP B 32 -0.24 47.11 -17.12
CA ASP B 32 1.00 46.51 -17.53
C ASP B 32 0.74 46.22 -19.02
N PRO B 33 0.96 47.20 -19.94
CA PRO B 33 0.63 46.99 -21.36
C PRO B 33 1.41 45.87 -22.05
N ARG B 34 2.48 45.35 -21.43
CA ARG B 34 3.27 44.25 -22.00
C ARG B 34 2.40 43.02 -22.21
N TRP B 35 1.50 42.74 -21.23
CA TRP B 35 0.62 41.57 -21.10
C TRP B 35 -0.85 41.80 -21.43
N GLU B 36 -1.36 43.03 -21.23
CA GLU B 36 -2.76 43.39 -21.42
C GLU B 36 -3.35 43.06 -22.80
N LEU B 37 -4.34 42.14 -22.85
CA LEU B 37 -5.03 41.78 -24.10
C LEU B 37 -6.42 42.42 -24.14
N PRO B 38 -6.81 43.07 -25.26
CA PRO B 38 -8.19 43.62 -25.36
C PRO B 38 -9.27 42.54 -25.18
N ARG B 39 -10.35 42.90 -24.48
CA ARG B 39 -11.46 41.98 -24.15
C ARG B 39 -12.25 41.45 -25.36
N ASP B 40 -12.26 42.22 -26.47
CA ASP B 40 -12.94 41.85 -27.71
C ASP B 40 -12.25 40.65 -28.40
N ARG B 41 -10.97 40.39 -28.06
CA ARG B 41 -10.16 39.31 -28.63
C ARG B 41 -10.27 38.02 -27.82
N LEU B 42 -10.99 38.05 -26.69
CA LEU B 42 -11.22 36.91 -25.82
C LEU B 42 -12.70 36.52 -25.81
N VAL B 43 -12.98 35.23 -26.12
CA VAL B 43 -14.33 34.63 -26.17
C VAL B 43 -14.35 33.40 -25.24
N LEU B 44 -14.78 33.63 -23.98
CA LEU B 44 -14.87 32.62 -22.91
C LEU B 44 -15.90 31.53 -23.23
N GLY B 45 -15.58 30.30 -22.82
CA GLY B 45 -16.43 29.14 -23.06
C GLY B 45 -16.51 28.19 -21.88
N LYS B 46 -16.83 26.91 -22.17
CA LYS B 46 -17.03 25.80 -21.23
C LYS B 46 -16.06 25.82 -20.06
N PRO B 47 -16.52 25.69 -18.78
CA PRO B 47 -15.57 25.65 -17.65
C PRO B 47 -14.72 24.39 -17.60
N LEU B 48 -13.58 24.45 -16.92
CA LEU B 48 -12.66 23.33 -16.81
C LEU B 48 -12.47 22.91 -15.35
N GLY B 49 -12.54 23.89 -14.45
CA GLY B 49 -12.41 23.65 -13.01
C GLY B 49 -12.79 24.84 -12.16
N GLU B 50 -12.92 24.59 -10.85
CA GLU B 50 -13.26 25.61 -9.87
C GLU B 50 -12.71 25.32 -8.48
N GLY B 51 -12.49 26.40 -7.75
CA GLY B 51 -12.01 26.35 -6.38
C GLY B 51 -13.01 27.01 -5.45
N CYS B 52 -12.51 27.43 -4.28
CA CYS B 52 -13.28 28.10 -3.23
C CYS B 52 -13.91 29.42 -3.75
N PHE B 53 -13.08 30.32 -4.37
CA PHE B 53 -13.51 31.63 -4.89
C PHE B 53 -12.90 31.94 -6.28
N GLY B 54 -12.60 30.88 -7.04
CA GLY B 54 -11.99 30.98 -8.36
C GLY B 54 -12.48 29.93 -9.34
N GLN B 55 -12.28 30.18 -10.63
CA GLN B 55 -12.68 29.27 -11.70
C GLN B 55 -11.81 29.43 -12.93
N VAL B 56 -11.65 28.31 -13.66
CA VAL B 56 -10.87 28.23 -14.90
C VAL B 56 -11.87 27.86 -16.01
N VAL B 57 -11.75 28.50 -17.19
CA VAL B 57 -12.66 28.27 -18.32
C VAL B 57 -11.91 28.09 -19.65
N LEU B 58 -12.40 27.20 -20.53
CA LEU B 58 -11.84 27.01 -21.86
C LEU B 58 -12.20 28.28 -22.64
N ALA B 59 -11.25 28.89 -23.35
CA ALA B 59 -11.51 30.12 -24.07
C ALA B 59 -10.74 30.22 -25.38
N GLU B 60 -11.12 31.20 -26.23
CA GLU B 60 -10.47 31.45 -27.52
C GLU B 60 -9.92 32.85 -27.59
N ALA B 61 -8.59 32.95 -27.74
CA ALA B 61 -7.87 34.22 -27.84
C ALA B 61 -7.49 34.48 -29.30
N ILE B 62 -7.83 35.68 -29.81
CA ILE B 62 -7.52 36.09 -31.18
C ILE B 62 -6.28 36.96 -31.15
N GLY B 63 -5.18 36.42 -31.67
CA GLY B 63 -3.89 37.08 -31.81
C GLY B 63 -3.15 37.51 -30.56
N LEU B 64 -2.76 36.54 -29.70
CA LEU B 64 -2.03 36.80 -28.45
C LEU B 64 -0.68 37.48 -28.73
N ASP B 65 0.06 36.94 -29.74
CA ASP B 65 1.40 37.40 -30.19
C ASP B 65 1.37 38.04 -31.60
N LYS B 66 2.42 38.82 -31.94
CA LYS B 66 2.54 39.51 -33.24
C LYS B 66 3.43 38.75 -34.22
N PRO B 69 -1.83 37.43 -34.97
CA PRO B 69 -2.66 38.64 -35.10
C PRO B 69 -4.14 38.32 -35.38
N ASN B 70 -4.41 37.53 -36.43
CA ASN B 70 -5.76 37.11 -36.81
C ASN B 70 -6.04 35.67 -36.35
N ARG B 71 -4.96 34.95 -35.96
CA ARG B 71 -5.00 33.57 -35.52
C ARG B 71 -5.72 33.36 -34.19
N VAL B 72 -6.50 32.27 -34.10
CA VAL B 72 -7.26 31.87 -32.92
C VAL B 72 -6.52 30.78 -32.16
N THR B 73 -6.37 30.96 -30.83
CA THR B 73 -5.68 29.99 -29.99
C THR B 73 -6.57 29.57 -28.79
N LYS B 74 -6.69 28.25 -28.55
CA LYS B 74 -7.47 27.72 -27.43
C LYS B 74 -6.64 27.92 -26.14
N VAL B 75 -7.24 28.56 -25.11
CA VAL B 75 -6.58 28.88 -23.84
C VAL B 75 -7.42 28.53 -22.61
N ALA B 76 -6.81 28.60 -21.42
CA ALA B 76 -7.50 28.45 -20.13
C ALA B 76 -7.51 29.86 -19.53
N VAL B 77 -8.67 30.27 -18.97
CA VAL B 77 -8.81 31.58 -18.36
C VAL B 77 -9.18 31.44 -16.87
N LYS B 78 -8.25 31.84 -15.99
CA LYS B 78 -8.43 31.90 -14.55
C LYS B 78 -9.13 33.25 -14.21
N MET B 79 -10.13 33.20 -13.32
CA MET B 79 -10.88 34.35 -12.85
C MET B 79 -11.50 34.01 -11.50
N LEU B 80 -12.01 35.04 -10.83
CA LEU B 80 -12.75 34.98 -9.58
C LEU B 80 -14.16 34.48 -9.88
N LYS B 81 -14.86 33.98 -8.85
CA LYS B 81 -16.26 33.59 -8.91
C LYS B 81 -17.01 34.76 -8.29
N SER B 82 -18.36 34.85 -8.47
CA SER B 82 -19.15 35.97 -7.95
C SER B 82 -19.14 36.13 -6.42
N ASP B 83 -18.57 35.17 -5.68
CA ASP B 83 -18.56 35.22 -4.21
C ASP B 83 -17.17 35.60 -3.64
N ALA B 84 -16.22 36.09 -4.48
CA ALA B 84 -14.90 36.49 -4.03
C ALA B 84 -14.90 37.87 -3.35
N THR B 85 -13.81 38.19 -2.61
CA THR B 85 -13.59 39.42 -1.82
C THR B 85 -12.24 40.02 -2.21
N GLU B 86 -11.91 41.22 -1.67
CA GLU B 86 -10.63 41.88 -1.95
C GLU B 86 -9.46 40.88 -1.81
N LYS B 87 -9.45 40.08 -0.71
CA LYS B 87 -8.45 39.06 -0.41
C LYS B 87 -8.27 38.09 -1.59
N ASP B 88 -9.37 37.57 -2.17
CA ASP B 88 -9.30 36.65 -3.31
C ASP B 88 -8.75 37.34 -4.57
N LEU B 89 -9.09 38.64 -4.75
CA LEU B 89 -8.57 39.43 -5.88
C LEU B 89 -7.07 39.59 -5.74
N SER B 90 -6.60 40.03 -4.55
CA SER B 90 -5.18 40.23 -4.29
C SER B 90 -4.40 38.92 -4.52
N ASP B 91 -5.03 37.78 -4.25
CA ASP B 91 -4.47 36.44 -4.46
C ASP B 91 -4.32 36.09 -5.93
N LEU B 92 -5.33 36.41 -6.77
CA LEU B 92 -5.26 36.17 -8.21
C LEU B 92 -4.20 37.02 -8.90
N ILE B 93 -4.09 38.32 -8.54
CA ILE B 93 -3.07 39.27 -9.04
C ILE B 93 -1.70 38.73 -8.64
N SER B 94 -1.55 38.43 -7.33
CA SER B 94 -0.37 37.84 -6.70
C SER B 94 0.12 36.63 -7.49
N GLU B 95 -0.78 35.71 -7.89
CA GLU B 95 -0.43 34.53 -8.68
C GLU B 95 0.09 34.96 -10.06
N MET B 96 -0.64 35.90 -10.74
CA MET B 96 -0.30 36.46 -12.06
C MET B 96 1.12 37.07 -12.07
N GLU B 97 1.43 37.86 -11.04
CA GLU B 97 2.70 38.53 -10.89
C GLU B 97 3.88 37.56 -10.71
N MET B 98 3.65 36.42 -10.04
CA MET B 98 4.67 35.37 -9.88
C MET B 98 5.01 34.75 -11.24
N MET B 99 4.02 34.54 -12.10
CA MET B 99 4.17 34.01 -13.46
C MET B 99 5.03 34.95 -14.38
N LYS B 100 4.87 36.30 -14.21
CA LYS B 100 5.65 37.30 -14.94
C LYS B 100 7.12 37.25 -14.49
N MET B 101 7.35 37.02 -13.17
N MET B 101 7.33 37.01 -13.18
CA MET B 101 8.67 36.96 -12.57
CA MET B 101 8.63 36.92 -12.49
C MET B 101 9.40 35.64 -12.91
C MET B 101 9.38 35.64 -12.90
N ILE B 102 8.71 34.49 -12.77
CA ILE B 102 9.23 33.14 -13.06
C ILE B 102 9.61 32.98 -14.55
N GLY B 103 8.86 33.57 -15.47
CA GLY B 103 9.14 33.48 -16.91
C GLY B 103 8.75 32.15 -17.53
N LYS B 104 8.90 32.04 -18.88
CA LYS B 104 8.53 30.88 -19.71
C LYS B 104 9.39 29.60 -19.52
N HIS B 105 8.84 28.43 -19.92
CA HIS B 105 9.44 27.08 -19.96
C HIS B 105 8.39 26.13 -20.58
N LYS B 106 8.87 25.07 -21.28
CA LYS B 106 7.97 24.08 -21.91
C LYS B 106 7.15 23.29 -20.88
N ASN B 107 7.81 22.76 -19.81
CA ASN B 107 7.23 21.89 -18.79
C ASN B 107 6.58 22.62 -17.58
N ILE B 108 6.03 23.83 -17.81
CA ILE B 108 5.27 24.62 -16.83
C ILE B 108 4.02 25.20 -17.53
N ILE B 109 2.96 25.59 -16.77
CA ILE B 109 1.80 26.30 -17.35
C ILE B 109 2.24 27.75 -17.41
N ASN B 110 2.27 28.37 -18.64
CA ASN B 110 2.75 29.76 -18.84
C ASN B 110 1.67 30.79 -18.97
N LEU B 111 2.01 32.04 -18.61
CA LEU B 111 1.14 33.22 -18.70
C LEU B 111 1.16 33.71 -20.14
N LEU B 112 -0.01 33.83 -20.79
CA LEU B 112 -0.12 34.26 -22.19
C LEU B 112 -0.66 35.71 -22.36
N GLY B 113 -1.37 36.20 -21.36
CA GLY B 113 -1.92 37.55 -21.35
C GLY B 113 -2.85 37.77 -20.18
N ALA B 114 -3.49 38.97 -20.12
CA ALA B 114 -4.45 39.32 -19.07
C ALA B 114 -5.36 40.45 -19.49
N CYS B 115 -6.60 40.42 -18.99
CA CYS B 115 -7.58 41.48 -19.18
C CYS B 115 -7.74 41.98 -17.75
N THR B 116 -7.14 43.14 -17.41
CA THR B 116 -7.15 43.67 -16.03
C THR B 116 -8.02 44.90 -15.85
N GLN B 117 -8.09 45.72 -16.90
CA GLN B 117 -8.80 47.01 -16.92
C GLN B 117 -10.21 46.83 -17.37
N ASP B 118 -11.03 47.84 -17.07
CA ASP B 118 -12.42 47.99 -17.47
C ASP B 118 -13.20 46.68 -17.44
N GLY B 119 -13.37 46.12 -16.24
CA GLY B 119 -14.11 44.87 -16.03
C GLY B 119 -13.40 43.83 -15.17
N PRO B 120 -13.96 42.60 -15.03
CA PRO B 120 -13.31 41.56 -14.21
C PRO B 120 -11.97 41.07 -14.73
N LEU B 121 -11.08 40.74 -13.80
CA LEU B 121 -9.74 40.23 -14.05
C LEU B 121 -9.75 38.79 -14.64
N TYR B 122 -8.99 38.60 -15.72
CA TYR B 122 -8.78 37.32 -16.39
C TYR B 122 -7.30 37.13 -16.56
N VAL B 123 -6.80 36.00 -16.07
CA VAL B 123 -5.40 35.61 -16.14
C VAL B 123 -5.37 34.49 -17.21
N ILE B 124 -4.95 34.87 -18.44
CA ILE B 124 -4.88 33.98 -19.60
C ILE B 124 -3.59 33.16 -19.53
N VAL B 125 -3.77 31.84 -19.39
CA VAL B 125 -2.71 30.83 -19.26
C VAL B 125 -2.94 29.71 -20.30
N GLU B 126 -1.90 28.90 -20.56
CA GLU B 126 -1.93 27.76 -21.49
C GLU B 126 -2.98 26.70 -21.15
N TYR B 127 -3.53 26.06 -22.19
CA TYR B 127 -4.53 24.99 -22.03
C TYR B 127 -3.97 23.58 -22.36
N ALA B 128 -4.13 22.65 -21.40
CA ALA B 128 -3.73 21.25 -21.47
C ALA B 128 -5.02 20.45 -21.71
N SER B 129 -5.20 19.89 -22.93
CA SER B 129 -6.40 19.16 -23.34
C SER B 129 -6.51 17.71 -22.84
N LYS B 130 -5.51 17.20 -22.14
CA LYS B 130 -5.59 15.82 -21.66
C LYS B 130 -5.86 15.76 -20.14
N GLY B 131 -6.11 16.94 -19.54
CA GLY B 131 -6.38 17.07 -18.12
C GLY B 131 -5.13 16.90 -17.27
N ASN B 132 -5.32 16.49 -16.00
CA ASN B 132 -4.19 16.27 -15.11
C ASN B 132 -3.57 14.86 -15.28
N LEU B 133 -2.33 14.71 -14.82
CA LEU B 133 -1.55 13.47 -14.93
C LEU B 133 -2.22 12.27 -14.31
N ARG B 134 -2.85 12.44 -13.13
CA ARG B 134 -3.56 11.36 -12.41
C ARG B 134 -4.66 10.79 -13.33
N GLU B 135 -5.52 11.66 -13.89
CA GLU B 135 -6.61 11.30 -14.80
C GLU B 135 -6.04 10.62 -16.05
N TYR B 136 -4.98 11.23 -16.64
CA TYR B 136 -4.26 10.81 -17.83
C TYR B 136 -3.74 9.38 -17.73
N LEU B 137 -3.01 9.07 -16.62
CA LEU B 137 -2.44 7.77 -16.31
C LEU B 137 -3.51 6.68 -16.11
N GLN B 138 -4.54 6.96 -15.29
CA GLN B 138 -5.69 6.10 -14.99
C GLN B 138 -6.46 5.67 -16.24
N ALA B 139 -6.67 6.61 -17.17
CA ALA B 139 -7.37 6.34 -18.42
C ALA B 139 -6.51 5.52 -19.37
N ARG B 140 -5.20 5.47 -19.16
CA ARG B 140 -4.34 4.76 -20.10
C ARG B 140 -3.73 3.44 -19.52
N ARG B 141 -4.45 2.83 -18.55
CA ARG B 141 -4.04 1.56 -17.94
C ARG B 141 -4.39 0.41 -18.90
N PRO B 142 -3.48 -0.57 -19.15
CA PRO B 142 -3.83 -1.70 -20.04
C PRO B 142 -4.96 -2.60 -19.47
N PRO B 143 -5.65 -3.46 -20.25
CA PRO B 143 -6.69 -4.30 -19.63
C PRO B 143 -6.13 -5.57 -18.98
N HIS B 153 -11.45 5.08 -20.03
CA HIS B 153 -10.25 4.38 -20.48
C HIS B 153 -10.09 4.40 -22.02
N ASN B 154 -9.05 5.13 -22.52
CA ASN B 154 -8.71 5.31 -23.95
C ASN B 154 -7.75 4.23 -24.49
N PRO B 155 -8.24 3.29 -25.34
CA PRO B 155 -7.37 2.22 -25.86
C PRO B 155 -6.29 2.63 -26.88
N GLU B 156 -6.55 3.68 -27.69
CA GLU B 156 -5.66 4.16 -28.74
C GLU B 156 -4.33 4.80 -28.25
N GLU B 157 -4.11 4.89 -26.92
CA GLU B 157 -2.89 5.48 -26.36
C GLU B 157 -2.34 4.74 -25.09
N GLN B 158 -1.92 3.46 -25.24
CA GLN B 158 -1.34 2.70 -24.12
C GLN B 158 0.12 3.11 -23.93
N LEU B 159 0.52 3.36 -22.66
CA LEU B 159 1.86 3.86 -22.32
C LEU B 159 2.89 2.79 -22.01
N SER B 160 4.08 2.93 -22.64
CA SER B 160 5.24 2.06 -22.46
C SER B 160 6.10 2.55 -21.28
N SER B 161 7.05 1.71 -20.81
CA SER B 161 7.96 2.04 -19.73
C SER B 161 8.73 3.36 -20.00
N LYS B 162 9.10 3.61 -21.28
CA LYS B 162 9.78 4.84 -21.70
C LYS B 162 8.88 6.07 -21.50
N ASP B 163 7.60 5.97 -21.95
CA ASP B 163 6.58 7.04 -21.86
C ASP B 163 6.36 7.48 -20.42
N LEU B 164 6.39 6.53 -19.47
CA LEU B 164 6.19 6.83 -18.05
C LEU B 164 7.39 7.52 -17.44
N VAL B 165 8.62 7.09 -17.81
CA VAL B 165 9.87 7.69 -17.32
C VAL B 165 10.05 9.09 -17.95
N SER B 166 9.61 9.28 -19.22
CA SER B 166 9.62 10.58 -19.92
C SER B 166 8.73 11.60 -19.16
N CYS B 167 7.59 11.14 -18.58
CA CYS B 167 6.67 11.94 -17.75
C CYS B 167 7.43 12.45 -16.50
N ALA B 168 8.09 11.53 -15.76
CA ALA B 168 8.90 11.79 -14.57
C ALA B 168 10.08 12.74 -14.90
N TYR B 169 10.74 12.54 -16.06
CA TYR B 169 11.84 13.41 -16.53
C TYR B 169 11.32 14.81 -16.87
N GLN B 170 10.09 14.88 -17.46
CA GLN B 170 9.44 16.13 -17.82
C GLN B 170 9.08 16.93 -16.57
N VAL B 171 8.39 16.29 -15.58
CA VAL B 171 7.99 16.90 -14.30
C VAL B 171 9.22 17.45 -13.60
N ALA B 172 10.35 16.68 -13.64
CA ALA B 172 11.65 17.04 -13.06
C ALA B 172 12.23 18.28 -13.76
N ARG B 173 12.28 18.29 -15.12
CA ARG B 173 12.76 19.42 -15.94
C ARG B 173 12.04 20.70 -15.52
N GLY B 174 10.71 20.63 -15.46
CA GLY B 174 9.84 21.74 -15.07
C GLY B 174 10.10 22.25 -13.67
N MET B 175 10.26 21.31 -12.72
CA MET B 175 10.57 21.60 -11.31
C MET B 175 11.99 22.16 -11.12
N GLU B 176 12.95 21.79 -11.98
CA GLU B 176 14.33 22.32 -11.94
C GLU B 176 14.29 23.79 -12.40
N TYR B 177 13.34 24.11 -13.30
CA TYR B 177 13.17 25.47 -13.78
C TYR B 177 12.58 26.37 -12.69
N LEU B 178 11.46 25.94 -12.08
CA LEU B 178 10.76 26.67 -11.01
C LEU B 178 11.70 26.89 -9.81
N ALA B 179 12.53 25.89 -9.50
CA ALA B 179 13.50 25.94 -8.41
C ALA B 179 14.59 27.02 -8.62
N SER B 180 15.13 27.11 -9.87
CA SER B 180 16.16 28.10 -10.24
C SER B 180 15.54 29.50 -10.23
N LYS B 181 14.22 29.57 -10.40
CA LYS B 181 13.44 30.80 -10.35
C LYS B 181 12.98 31.07 -8.91
N LYS B 182 13.56 30.32 -7.96
CA LYS B 182 13.36 30.38 -6.51
C LYS B 182 11.89 30.21 -6.13
N CYS B 183 11.24 29.12 -6.61
CA CYS B 183 9.84 28.79 -6.37
C CYS B 183 9.63 27.41 -5.74
N ILE B 184 8.74 27.36 -4.74
CA ILE B 184 8.38 26.16 -3.99
C ILE B 184 6.89 25.98 -4.20
N HIS B 185 6.48 24.85 -4.81
CA HIS B 185 5.11 24.52 -5.11
C HIS B 185 4.30 24.25 -3.84
N ARG B 186 4.86 23.51 -2.86
CA ARG B 186 4.29 23.13 -1.55
C ARG B 186 3.18 22.04 -1.67
N ASP B 187 2.65 21.79 -2.90
CA ASP B 187 1.67 20.72 -3.14
C ASP B 187 1.86 20.06 -4.52
N LEU B 188 3.09 19.59 -4.81
CA LEU B 188 3.38 18.91 -6.07
C LEU B 188 2.78 17.52 -5.98
N ALA B 189 1.91 17.18 -6.93
CA ALA B 189 1.19 15.90 -7.02
C ALA B 189 0.77 15.75 -8.47
N ALA B 190 0.54 14.51 -8.95
CA ALA B 190 0.12 14.30 -10.35
C ALA B 190 -1.13 15.12 -10.70
N ARG B 191 -2.02 15.36 -9.71
CA ARG B 191 -3.24 16.19 -9.92
C ARG B 191 -2.87 17.63 -10.28
N ASN B 192 -1.65 18.10 -9.89
CA ASN B 192 -1.16 19.46 -10.11
C ASN B 192 -0.15 19.59 -11.28
N VAL B 193 -0.13 18.56 -12.15
CA VAL B 193 0.65 18.46 -13.38
C VAL B 193 -0.41 18.31 -14.47
N LEU B 194 -0.34 19.10 -15.54
CA LEU B 194 -1.30 18.98 -16.63
C LEU B 194 -0.62 18.42 -17.89
N VAL B 195 -1.41 17.79 -18.78
CA VAL B 195 -0.93 17.16 -20.02
C VAL B 195 -1.57 17.80 -21.30
N THR B 196 -0.72 18.29 -22.22
CA THR B 196 -1.17 18.91 -23.48
C THR B 196 -1.59 17.86 -24.50
N GLU B 197 -2.19 18.31 -25.62
CA GLU B 197 -2.59 17.47 -26.75
C GLU B 197 -1.37 16.74 -27.30
N ASP B 198 -0.19 17.40 -27.24
CA ASP B 198 1.09 16.86 -27.69
C ASP B 198 1.83 16.05 -26.60
N ASN B 199 1.10 15.67 -25.51
CA ASN B 199 1.57 14.83 -24.39
C ASN B 199 2.75 15.45 -23.60
N VAL B 200 2.70 16.76 -23.36
CA VAL B 200 3.73 17.49 -22.64
C VAL B 200 3.25 17.72 -21.19
N MET B 201 4.10 17.41 -20.20
CA MET B 201 3.77 17.64 -18.78
C MET B 201 3.97 19.14 -18.48
N LYS B 202 3.08 19.75 -17.68
CA LYS B 202 3.15 21.18 -17.31
C LYS B 202 2.69 21.42 -15.86
N ILE B 203 3.61 21.81 -14.98
CA ILE B 203 3.27 22.14 -13.59
C ILE B 203 2.30 23.35 -13.53
N ALA B 204 1.23 23.18 -12.79
CA ALA B 204 0.24 24.21 -12.57
C ALA B 204 0.21 24.44 -11.06
N ASP B 205 -0.34 25.60 -10.62
CA ASP B 205 -0.56 26.01 -9.24
C ASP B 205 0.68 26.24 -8.43
N PHE B 206 1.82 26.47 -9.13
CA PHE B 206 3.14 26.76 -8.54
C PHE B 206 3.18 28.21 -8.04
N GLY B 207 2.29 29.03 -8.60
CA GLY B 207 2.19 30.46 -8.32
C GLY B 207 1.15 30.88 -7.31
N LEU B 208 0.40 29.91 -6.75
CA LEU B 208 -0.67 30.21 -5.78
C LEU B 208 -0.17 30.89 -4.52
N ALA B 209 -0.96 31.86 -4.03
CA ALA B 209 -0.68 32.58 -2.79
C ALA B 209 -1.17 31.70 -1.61
N ARG B 210 -0.27 30.81 -1.12
CA ARG B 210 -0.55 29.89 -0.02
C ARG B 210 -0.07 30.50 1.29
N ASP B 211 -0.97 30.67 2.27
CA ASP B 211 -0.63 31.30 3.55
C ASP B 211 -1.21 30.57 4.78
N ILE B 212 -1.21 31.25 5.95
CA ILE B 212 -1.71 30.76 7.24
C ILE B 212 -3.16 30.26 7.13
N HIS B 213 -3.48 28.99 7.54
CA HIS B 213 -2.69 27.95 8.22
C HIS B 213 -2.66 28.16 9.75
N HIS B 214 -2.62 27.08 10.59
CA HIS B 214 -2.50 25.64 10.28
C HIS B 214 -3.42 25.15 9.15
N ILE B 215 -2.81 24.59 8.09
CA ILE B 215 -3.50 24.04 6.92
C ILE B 215 -4.38 22.89 7.37
N ASP B 216 -5.60 22.79 6.80
CA ASP B 216 -6.49 21.72 7.19
C ASP B 216 -5.98 20.40 6.65
N TYR B 217 -5.42 19.60 7.57
CA TYR B 217 -4.88 18.28 7.28
C TYR B 217 -5.97 17.24 6.97
N TYR B 218 -7.24 17.56 7.24
CA TYR B 218 -8.41 16.69 7.03
C TYR B 218 -9.19 16.98 5.72
N LYS B 219 -8.89 18.10 5.07
CA LYS B 219 -9.51 18.53 3.81
C LYS B 219 -9.06 17.62 2.66
N LYS B 220 -10.03 16.98 1.98
CA LYS B 220 -9.80 16.07 0.85
C LYS B 220 -9.91 16.79 -0.53
N THR B 221 -9.39 16.14 -1.60
CA THR B 221 -9.42 16.63 -2.98
C THR B 221 -10.77 16.23 -3.58
N THR B 222 -11.05 16.69 -4.82
CA THR B 222 -12.26 16.36 -5.57
C THR B 222 -12.40 14.84 -5.69
N ASN B 223 -11.26 14.13 -5.97
CA ASN B 223 -11.21 12.68 -6.10
C ASN B 223 -11.23 11.95 -4.71
N GLY B 224 -11.34 12.72 -3.63
CA GLY B 224 -11.42 12.19 -2.26
C GLY B 224 -10.15 11.59 -1.70
N ARG B 225 -9.00 12.28 -1.91
CA ARG B 225 -7.69 11.86 -1.41
C ARG B 225 -7.11 12.93 -0.48
N LEU B 226 -6.30 12.53 0.52
CA LEU B 226 -5.72 13.45 1.50
C LEU B 226 -4.33 14.05 1.09
N PRO B 227 -4.24 15.38 0.78
CA PRO B 227 -2.95 15.98 0.38
C PRO B 227 -1.76 15.75 1.33
N VAL B 228 -2.03 15.51 2.65
CA VAL B 228 -0.97 15.26 3.64
C VAL B 228 -0.01 14.17 3.18
N LYS B 229 -0.54 13.21 2.38
CA LYS B 229 0.13 12.02 1.82
C LYS B 229 1.25 12.34 0.81
N TRP B 230 1.39 13.62 0.42
CA TRP B 230 2.43 14.08 -0.50
C TRP B 230 3.49 14.92 0.24
N MET B 231 3.11 15.52 1.39
CA MET B 231 3.97 16.37 2.22
C MET B 231 5.09 15.59 2.89
N ALA B 232 6.28 16.23 2.91
CA ALA B 232 7.52 15.77 3.53
C ALA B 232 7.35 15.89 5.04
N PRO B 233 8.09 15.10 5.86
CA PRO B 233 7.94 15.21 7.32
C PRO B 233 8.23 16.59 7.92
N GLU B 234 9.26 17.29 7.40
CA GLU B 234 9.65 18.61 7.91
C GLU B 234 8.57 19.64 7.65
N ALA B 235 7.89 19.52 6.50
CA ALA B 235 6.79 20.38 6.11
C ALA B 235 5.54 20.02 6.90
N LEU B 236 5.24 18.72 7.02
CA LEU B 236 4.07 18.21 7.74
C LEU B 236 4.11 18.48 9.25
N PHE B 237 5.20 18.06 9.94
CA PHE B 237 5.38 18.18 11.40
C PHE B 237 5.99 19.49 11.88
N ASP B 238 6.82 20.18 11.07
CA ASP B 238 7.50 21.38 11.53
C ASP B 238 7.21 22.65 10.67
N ARG B 239 6.45 22.51 9.55
CA ARG B 239 6.04 23.59 8.61
C ARG B 239 7.24 24.25 7.85
N ILE B 240 8.30 23.49 7.54
CA ILE B 240 9.45 23.96 6.76
C ILE B 240 9.21 23.51 5.30
N TYR B 241 9.11 24.45 4.38
CA TYR B 241 8.86 24.11 2.98
C TYR B 241 10.01 24.63 2.12
N THR B 242 10.83 23.71 1.60
CA THR B 242 11.96 24.03 0.73
C THR B 242 11.79 23.31 -0.61
N HIS B 243 12.85 23.34 -1.45
CA HIS B 243 12.88 22.63 -2.72
C HIS B 243 12.98 21.16 -2.42
N GLN B 244 13.68 20.84 -1.31
CA GLN B 244 13.88 19.47 -0.83
C GLN B 244 12.59 18.85 -0.35
N SER B 245 11.65 19.64 0.23
CA SER B 245 10.34 19.08 0.59
C SER B 245 9.51 18.73 -0.66
N ASP B 246 9.72 19.52 -1.76
CA ASP B 246 9.10 19.35 -3.07
C ASP B 246 9.70 18.12 -3.77
N VAL B 247 10.94 17.74 -3.39
CA VAL B 247 11.64 16.55 -3.88
C VAL B 247 10.95 15.31 -3.31
N TRP B 248 10.54 15.37 -2.02
CA TRP B 248 9.79 14.31 -1.33
C TRP B 248 8.43 14.07 -2.04
N SER B 249 7.75 15.17 -2.40
CA SER B 249 6.46 15.15 -3.10
C SER B 249 6.65 14.60 -4.52
N PHE B 250 7.86 14.82 -5.12
CA PHE B 250 8.19 14.29 -6.44
C PHE B 250 8.29 12.76 -6.37
N GLY B 251 8.78 12.26 -5.22
CA GLY B 251 8.92 10.84 -4.93
C GLY B 251 7.57 10.15 -4.94
N VAL B 252 6.55 10.79 -4.33
CA VAL B 252 5.17 10.29 -4.24
C VAL B 252 4.57 10.38 -5.66
N LEU B 253 4.92 11.44 -6.44
CA LEU B 253 4.48 11.63 -7.84
C LEU B 253 5.07 10.50 -8.71
N LEU B 254 6.33 10.13 -8.46
CA LEU B 254 7.02 9.03 -9.13
C LEU B 254 6.23 7.74 -8.85
N TRP B 255 5.84 7.52 -7.57
CA TRP B 255 5.05 6.37 -7.16
C TRP B 255 3.70 6.38 -7.90
N GLU B 256 3.05 7.56 -8.00
CA GLU B 256 1.80 7.76 -8.71
C GLU B 256 1.93 7.32 -10.18
N ILE B 257 3.09 7.62 -10.84
CA ILE B 257 3.36 7.30 -12.25
C ILE B 257 3.49 5.80 -12.48
N PHE B 258 4.35 5.13 -11.69
CA PHE B 258 4.62 3.70 -11.85
C PHE B 258 3.47 2.78 -11.31
N THR B 259 2.34 3.36 -10.82
CA THR B 259 1.12 2.64 -10.39
C THR B 259 -0.04 3.03 -11.32
N LEU B 260 0.26 3.84 -12.36
CA LEU B 260 -0.68 4.37 -13.36
C LEU B 260 -1.84 5.14 -12.75
N GLY B 261 -1.51 5.98 -11.76
CA GLY B 261 -2.46 6.84 -11.07
C GLY B 261 -3.05 6.27 -9.79
N GLY B 262 -2.23 5.57 -9.03
CA GLY B 262 -2.63 4.97 -7.76
C GLY B 262 -2.86 5.95 -6.64
N SER B 263 -3.70 5.54 -5.70
CA SER B 263 -4.06 6.31 -4.50
C SER B 263 -3.06 5.95 -3.37
N PRO B 264 -2.29 6.93 -2.85
CA PRO B 264 -1.33 6.62 -1.78
C PRO B 264 -2.04 6.36 -0.46
N TYR B 265 -1.51 5.40 0.34
CA TYR B 265 -2.07 4.93 1.62
C TYR B 265 -3.65 4.83 1.61
N PRO B 266 -4.25 3.93 0.77
CA PRO B 266 -5.72 3.87 0.69
C PRO B 266 -6.36 3.38 1.97
N GLY B 267 -7.28 4.18 2.50
CA GLY B 267 -7.99 3.88 3.74
C GLY B 267 -7.24 4.29 4.99
N VAL B 268 -6.12 5.06 4.84
CA VAL B 268 -5.30 5.57 5.94
C VAL B 268 -5.68 7.03 6.31
N PRO B 269 -6.17 7.24 7.55
CA PRO B 269 -6.50 8.62 7.98
C PRO B 269 -5.25 9.41 8.39
N VAL B 270 -5.46 10.69 8.73
CA VAL B 270 -4.42 11.66 9.12
C VAL B 270 -3.54 11.17 10.26
N GLU B 271 -4.15 10.95 11.45
CA GLU B 271 -3.46 10.52 12.67
C GLU B 271 -2.62 9.26 12.46
N GLU B 272 -3.08 8.36 11.57
CA GLU B 272 -2.36 7.14 11.25
C GLU B 272 -1.22 7.38 10.26
N LEU B 273 -1.27 8.46 9.44
CA LEU B 273 -0.20 8.78 8.48
C LEU B 273 1.04 9.34 9.21
N PHE B 274 0.81 10.22 10.21
CA PHE B 274 1.83 10.78 11.09
C PHE B 274 2.51 9.60 11.77
N LYS B 275 1.70 8.60 12.20
CA LYS B 275 2.11 7.33 12.84
C LYS B 275 2.99 6.50 11.89
N LEU B 276 2.65 6.46 10.57
CA LEU B 276 3.46 5.74 9.56
C LEU B 276 4.77 6.50 9.29
N LEU B 277 4.73 7.83 9.34
CA LEU B 277 5.92 8.64 9.12
C LEU B 277 6.90 8.57 10.29
N LYS B 278 6.38 8.63 11.54
CA LYS B 278 7.16 8.53 12.77
C LYS B 278 7.95 7.22 12.75
N GLU B 279 7.26 6.09 12.47
CA GLU B 279 7.82 4.74 12.33
C GLU B 279 8.78 4.66 11.12
N GLY B 280 8.85 5.73 10.32
CA GLY B 280 9.65 5.79 9.10
C GLY B 280 9.26 4.72 8.11
N HIS B 281 7.93 4.59 7.86
CA HIS B 281 7.37 3.63 6.92
C HIS B 281 7.46 4.22 5.52
N ARG B 282 7.77 3.37 4.54
CA ARG B 282 7.85 3.76 3.14
C ARG B 282 6.97 2.84 2.26
N MET B 283 6.32 3.43 1.25
CA MET B 283 5.48 2.73 0.29
C MET B 283 6.26 1.65 -0.45
N ASP B 284 5.57 0.56 -0.75
CA ASP B 284 6.11 -0.63 -1.41
C ASP B 284 6.46 -0.34 -2.88
N LYS B 285 7.47 -1.07 -3.41
CA LYS B 285 7.91 -1.04 -4.79
C LYS B 285 6.70 -1.52 -5.64
N PRO B 286 6.08 -0.66 -6.48
CA PRO B 286 4.89 -1.13 -7.22
C PRO B 286 5.25 -2.07 -8.36
N SER B 287 4.31 -2.91 -8.80
CA SER B 287 4.53 -3.81 -9.93
C SER B 287 4.87 -2.93 -11.16
N ASN B 288 5.98 -3.27 -11.84
CA ASN B 288 6.57 -2.57 -12.99
C ASN B 288 7.25 -1.26 -12.54
N CYS B 289 8.34 -1.44 -11.77
CA CYS B 289 9.23 -0.42 -11.20
C CYS B 289 10.59 -1.10 -10.96
N THR B 290 11.65 -0.50 -11.47
CA THR B 290 13.01 -1.00 -11.34
C THR B 290 13.55 -0.71 -9.94
N ASN B 291 14.54 -1.51 -9.46
CA ASN B 291 15.19 -1.26 -8.17
C ASN B 291 15.87 0.13 -8.11
N GLU B 292 16.26 0.68 -9.28
CA GLU B 292 16.83 2.02 -9.41
C GLU B 292 15.73 3.07 -9.32
N LEU B 293 14.58 2.87 -10.01
CA LEU B 293 13.43 3.79 -9.96
C LEU B 293 12.80 3.79 -8.57
N TYR B 294 12.89 2.65 -7.87
CA TYR B 294 12.38 2.55 -6.51
C TYR B 294 13.34 3.26 -5.56
N MET B 295 14.70 3.09 -5.77
CA MET B 295 15.75 3.78 -5.00
C MET B 295 15.61 5.27 -5.22
N MET B 296 15.20 5.70 -6.44
CA MET B 296 14.95 7.10 -6.76
C MET B 296 13.88 7.63 -5.79
N MET B 297 12.71 6.93 -5.69
CA MET B 297 11.59 7.25 -4.78
C MET B 297 12.10 7.26 -3.33
N ARG B 298 12.88 6.22 -2.95
CA ARG B 298 13.43 6.05 -1.59
C ARG B 298 14.38 7.16 -1.20
N ASP B 299 15.15 7.68 -2.19
CA ASP B 299 16.12 8.77 -2.04
C ASP B 299 15.37 10.05 -1.75
N CYS B 300 14.30 10.32 -2.56
CA CYS B 300 13.37 11.43 -2.42
C CYS B 300 12.73 11.37 -1.05
N TRP B 301 12.63 10.16 -0.46
CA TRP B 301 12.00 9.92 0.83
C TRP B 301 13.00 9.70 1.99
N HIS B 302 14.21 10.27 1.88
CA HIS B 302 15.20 10.20 2.95
C HIS B 302 14.66 11.12 4.05
N ALA B 303 14.87 10.76 5.33
CA ALA B 303 14.41 11.62 6.45
C ALA B 303 15.06 13.00 6.31
N VAL B 304 16.40 13.00 6.23
CA VAL B 304 17.25 14.17 6.08
C VAL B 304 17.07 14.79 4.68
N PRO B 305 16.53 16.03 4.63
CA PRO B 305 16.32 16.70 3.34
C PRO B 305 17.60 16.95 2.52
N SER B 306 18.75 17.15 3.19
CA SER B 306 20.02 17.34 2.48
C SER B 306 20.54 16.06 1.80
N GLN B 307 20.16 14.86 2.31
CA GLN B 307 20.56 13.56 1.72
C GLN B 307 19.64 13.11 0.56
N ARG B 308 18.60 13.91 0.29
CA ARG B 308 17.66 13.64 -0.81
C ARG B 308 18.32 14.16 -2.10
N PRO B 309 17.95 13.66 -3.31
CA PRO B 309 18.56 14.23 -4.52
C PRO B 309 17.94 15.60 -4.83
N THR B 310 18.65 16.43 -5.59
CA THR B 310 18.10 17.73 -5.96
C THR B 310 17.34 17.57 -7.29
N PHE B 311 16.61 18.62 -7.74
CA PHE B 311 15.90 18.50 -9.02
C PHE B 311 16.88 18.40 -10.20
N LYS B 312 18.04 19.10 -10.11
CA LYS B 312 19.15 19.08 -11.08
C LYS B 312 19.73 17.67 -11.14
N GLN B 313 19.76 16.98 -9.98
CA GLN B 313 20.25 15.61 -9.86
C GLN B 313 19.25 14.69 -10.53
N LEU B 314 17.95 14.82 -10.17
CA LEU B 314 16.87 13.99 -10.69
C LEU B 314 16.72 14.12 -12.19
N VAL B 315 16.87 15.33 -12.75
CA VAL B 315 16.83 15.59 -14.21
C VAL B 315 17.99 14.83 -14.87
N GLU B 316 19.21 14.93 -14.30
CA GLU B 316 20.41 14.27 -14.79
C GLU B 316 20.26 12.76 -14.75
N ASP B 317 19.75 12.22 -13.62
CA ASP B 317 19.52 10.79 -13.43
C ASP B 317 18.41 10.24 -14.33
N LEU B 318 17.31 11.00 -14.50
CA LEU B 318 16.20 10.59 -15.39
C LEU B 318 16.59 10.66 -16.86
N ASP B 319 17.34 11.72 -17.28
CA ASP B 319 17.83 11.90 -18.65
C ASP B 319 18.65 10.70 -19.08
N ARG B 320 19.38 10.11 -18.13
CA ARG B 320 20.23 8.94 -18.30
C ARG B 320 19.34 7.68 -18.39
N ILE B 321 18.32 7.57 -17.50
CA ILE B 321 17.39 6.44 -17.42
C ILE B 321 16.54 6.29 -18.71
N VAL B 322 15.84 7.38 -19.15
CA VAL B 322 14.96 7.44 -20.35
C VAL B 322 15.67 6.83 -21.60
N ALA B 323 16.89 7.32 -21.92
CA ALA B 323 17.73 6.88 -23.05
C ALA B 323 18.09 5.37 -22.97
N LEU B 324 17.97 4.76 -21.77
CA LEU B 324 18.25 3.36 -21.52
C LEU B 324 16.97 2.52 -21.50
N THR B 325 15.85 3.10 -21.03
CA THR B 325 14.54 2.43 -20.93
C THR B 325 13.98 2.11 -22.33
N SER B 326 13.62 0.83 -22.55
CA SER B 326 13.10 0.33 -23.83
C SER B 326 11.61 0.65 -24.02
N ASN B 327 11.24 1.01 -25.26
CA ASN B 327 9.86 1.31 -25.66
C ASN B 327 9.16 0.04 -26.19
N GLN B 328 9.93 -1.08 -26.27
CA GLN B 328 9.46 -2.40 -26.70
C GLN B 328 8.42 -2.95 -25.71
N GLU B 329 8.58 -2.61 -24.41
CA GLU B 329 7.69 -2.96 -23.30
C GLU B 329 7.71 -1.84 -22.25
N TYR B 330 8.81 -1.49 -21.77
C1 EDO C . -2.14 -27.04 16.79
O1 EDO C . -2.06 -25.99 17.76
C2 EDO C . -3.52 -27.76 16.84
O2 EDO C . -4.61 -26.86 16.63
C1 EDO D . -8.06 -8.95 1.36
O1 EDO D . -8.35 -7.95 2.35
C2 EDO D . -8.40 -8.43 -0.05
O2 EDO D . -7.31 -7.64 -0.50
C1 EDO E . -11.42 -28.19 -0.26
O1 EDO E . -10.83 -28.07 -1.56
C2 EDO E . -12.34 -26.96 0.06
O2 EDO E . -11.70 -25.69 -0.12
C1 38O F . 12.89 -14.56 20.40
C3 38O F . 11.98 -16.02 18.71
C4 38O F . 10.94 -17.07 18.40
C6 38O F . 11.18 -17.90 20.71
C7 38O F . 12.21 -16.81 20.94
C8 38O F . 10.39 -19.40 18.94
C12 38O F . 7.11 -22.55 18.73
N13 38O F . 8.19 -22.82 18.01
C15 38O F . 10.31 -21.48 17.68
C16 38O F . 10.97 -20.31 18.03
C17 38O F . 5.99 -23.49 18.88
C18 38O F . 4.69 -23.04 19.33
C21 38O F . 2.18 -23.60 19.45
C23 38O F . 1.12 -24.46 19.25
C24 38O F . 1.36 -25.68 18.67
O29 38O F . 7.19 -25.28 17.96
N2 38O F . 11.93 -15.64 20.12
N5 38O F . 11.08 -18.24 19.29
C9 38O F . 9.12 -19.67 19.47
C10 38O F . 8.46 -20.85 19.10
N11 38O F . 7.25 -21.40 19.46
C14 38O F . 9.05 -21.74 18.21
N19 38O F . 4.46 -21.82 19.90
C20 38O F . 3.50 -23.90 19.12
F22 38O F . 1.92 -22.41 20.05
C25 38O F . 2.63 -26.04 18.30
C26 38O F . 3.72 -25.19 18.55
N27 38O F . 5.00 -25.58 18.21
C28 38O F . 6.11 -24.84 18.37
H1 38O F . 13.95 -14.80 20.27
H2 38O F . 12.68 -13.70 19.77
H3 38O F . 12.78 -14.22 21.43
H4 38O F . 11.87 -15.20 18.00
H5 38O F . 12.99 -16.40 18.53
H6 38O F . 9.94 -16.63 18.35
H7 38O F . 11.11 -17.42 17.38
H8 38O F . 11.41 -18.75 21.34
H9 38O F . 10.20 -17.56 21.04
H10 38O F . 12.32 -16.60 22.01
H11 38O F . 13.20 -17.21 20.68
H12 38O F . 6.65 -20.95 20.14
H13 38O F . 10.76 -22.18 16.98
H14 38O F . 11.95 -20.13 17.61
H15 38O F . 0.11 -24.17 19.53
H16 38O F . 0.53 -26.38 18.50
H18 38O F . 8.64 -18.99 20.17
H20 38O F . 3.53 -21.53 20.17
H21 38O F . 5.18 -21.14 20.06
H22 38O F . 2.81 -27.04 17.88
H23 38O F . 5.09 -26.50 17.76
S SO4 G . -18.99 -37.72 3.64
O1 SO4 G . -18.91 -39.05 4.28
O2 SO4 G . -17.64 -37.15 3.58
O3 SO4 G . -19.48 -37.89 2.27
O4 SO4 G . -19.87 -36.83 4.43
S SO4 H . 1.05 -10.88 13.02
O1 SO4 H . 1.73 -11.98 13.70
O2 SO4 H . 0.65 -11.28 11.66
O3 SO4 H . -0.12 -10.49 13.78
O4 SO4 H . 1.96 -9.76 12.92
C1 EDO I . 0.15 29.01 -12.30
O1 EDO I . 0.09 28.84 -10.88
C2 EDO I . -0.62 27.90 -13.02
O2 EDO I . -1.72 27.47 -12.22
C1 38O J . -15.69 16.28 -18.15
C3 38O J . -13.30 16.26 -17.81
C4 38O J . -12.08 17.06 -17.37
C6 38O J . -13.19 19.09 -18.16
C7 38O J . -14.37 18.25 -18.60
C8 38O J . -10.77 18.98 -18.21
C12 38O J . -7.62 22.13 -17.34
N13 38O J . -7.33 21.34 -18.36
C15 38O J . -8.63 19.39 -19.31
C16 38O J . -9.81 18.66 -19.18
C17 38O J . -6.79 23.29 -16.97
C18 38O J . -6.79 23.79 -15.62
C21 38O J . -5.70 25.39 -13.96
C23 38O J . -4.76 26.35 -13.65
C24 38O J . -3.93 26.82 -14.65
O29 38O J . -5.82 23.47 -19.10
N2 38O J . -14.51 17.07 -17.75
N5 38O J . -11.97 18.29 -18.16
C9 38O J . -10.54 20.07 -17.36
C10 38O J . -9.35 20.78 -17.48
N11 38O J . -8.85 21.89 -16.82
C14 38O J . -8.40 20.46 -18.44
N19 38O J . -7.64 23.33 -14.66
C20 38O J . -5.83 24.82 -15.23
F22 38O J . -6.50 24.94 -12.97
C25 38O J . -4.02 26.30 -15.93
C26 38O J . -4.95 25.31 -16.22
N27 38O J . -5.03 24.82 -17.52
C28 38O J . -5.89 23.87 -17.94
H1 38O J . -15.55 15.57 -18.96
H2 38O J . -16.05 15.71 -17.30
H3 38O J . -16.53 16.92 -18.44
H4 38O J . -13.33 15.34 -17.24
H5 38O J . -13.20 15.95 -18.85
H6 38O J . -12.09 17.21 -16.29
H7 38O J . -11.19 16.46 -17.54
H8 38O J . -13.12 19.98 -18.79
H9 38O J . -13.34 19.46 -17.15
H10 38O J . -15.26 18.87 -18.70
H11 38O J . -14.20 17.92 -19.62
H12 38O J . -9.35 22.37 -16.08
H13 38O J . -7.89 19.11 -20.06
H14 38O J . -9.96 17.84 -19.87
H15 38O J . -4.71 26.78 -12.65
H16 38O J . -3.23 27.62 -14.44
H18 38O J . -11.27 20.34 -16.60
H20 38O J . -7.58 23.66 -13.70
H21 38O J . -8.23 22.52 -14.78
H22 38O J . -3.37 26.71 -16.71
H23 38O J . -4.38 25.21 -18.19
S SO4 K . -6.17 13.36 -6.58
O1 SO4 K . -6.92 12.13 -6.50
O2 SO4 K . -5.07 13.15 -7.54
O3 SO4 K . -7.07 14.40 -7.05
O4 SO4 K . -5.63 13.68 -5.26
#